data_5M6O
#
_entry.id   5M6O
#
_cell.length_a   73.956
_cell.length_b   73.956
_cell.length_c   185.238
_cell.angle_alpha   90.00
_cell.angle_beta   90.00
_cell.angle_gamma   120.00
#
_symmetry.space_group_name_H-M   'P 31 2 1'
#
loop_
_entity.id
_entity.type
_entity.pdbx_description
1 polymer Frutapin
2 non-polymer alpha-D-mannopyranose
3 water water
#
_entity_poly.entity_id   1
_entity_poly.type   'polypeptide(L)'
_entity_poly.pdbx_seq_one_letter_code
;MASQTITVGPWGGPGGNEWDDGSYTGIRIIELSYKEAIGSFSVIYDLNGEPFSGSKHTSKLPYTNVKIELQFPEEFLVSV
SGYTAPFSSLATRTPVVRSLKFKTNKGRTFGPYGEEDGTYFNLPIENGLVVGFKGRTGDLLDAIGVHMAL
;
_entity_poly.pdbx_strand_id   A,B,C,D
#
loop_
_chem_comp.id
_chem_comp.type
_chem_comp.name
_chem_comp.formula
MAN D-saccharide, alpha linking alpha-D-mannopyranose 'C6 H12 O6'
#
# COMPACT_ATOMS: atom_id res chain seq x y z
N MET A 1 15.11 4.16 -4.47
CA MET A 1 14.32 5.43 -4.67
C MET A 1 13.06 5.52 -3.75
N ALA A 2 12.24 6.60 -3.92
CA ALA A 2 11.32 7.12 -2.87
C ALA A 2 9.95 6.40 -2.83
N SER A 3 9.14 6.72 -1.81
CA SER A 3 7.79 6.11 -1.61
C SER A 3 6.88 6.37 -2.81
N GLN A 4 6.04 5.41 -3.20
CA GLN A 4 5.24 5.46 -4.42
C GLN A 4 3.79 5.22 -4.06
N THR A 5 2.89 5.66 -4.94
CA THR A 5 1.49 5.44 -4.68
C THR A 5 0.91 4.92 -6.01
N ILE A 6 -0.17 4.19 -5.92
CA ILE A 6 -1.11 3.94 -7.09
C ILE A 6 -1.41 5.22 -7.78
N THR A 7 -1.11 5.30 -9.09
CA THR A 7 -1.39 6.41 -9.92
C THR A 7 -2.27 6.02 -11.14
N VAL A 8 -3.38 6.74 -11.31
CA VAL A 8 -4.23 6.45 -12.40
C VAL A 8 -4.36 7.73 -13.28
N GLY A 9 -4.73 7.51 -14.56
CA GLY A 9 -4.69 8.48 -15.61
C GLY A 9 -3.37 8.32 -16.30
N PRO A 10 -2.90 9.38 -16.95
CA PRO A 10 -3.57 10.65 -17.11
C PRO A 10 -4.70 10.66 -18.08
N TRP A 11 -5.58 11.57 -17.84
CA TRP A 11 -6.61 11.95 -18.80
C TRP A 11 -6.36 13.32 -19.40
N GLY A 12 -6.41 13.37 -20.74
CA GLY A 12 -6.08 14.55 -21.49
C GLY A 12 -4.98 14.32 -22.46
N GLY A 13 -4.33 15.39 -22.87
CA GLY A 13 -3.34 15.31 -23.93
C GLY A 13 -1.99 15.68 -23.56
N PRO A 14 -1.07 15.65 -24.53
CA PRO A 14 0.35 15.79 -24.34
C PRO A 14 0.88 17.14 -24.42
N GLY A 15 0.01 18.16 -24.53
CA GLY A 15 0.41 19.53 -24.55
C GLY A 15 0.80 20.09 -23.17
N GLY A 16 1.19 21.33 -23.19
CA GLY A 16 1.59 22.03 -22.01
C GLY A 16 2.84 21.43 -21.40
N ASN A 17 3.05 21.73 -20.13
CA ASN A 17 4.23 21.28 -19.36
C ASN A 17 3.78 20.47 -18.17
N GLU A 18 4.54 19.42 -17.91
CA GLU A 18 4.16 18.39 -16.92
C GLU A 18 4.46 18.94 -15.55
N TRP A 19 3.60 18.49 -14.63
CA TRP A 19 3.78 18.71 -13.17
C TRP A 19 3.20 17.47 -12.43
N ASP A 20 3.68 17.32 -11.19
CA ASP A 20 3.27 16.31 -10.30
C ASP A 20 3.39 16.91 -8.90
N ASP A 21 2.29 17.08 -8.16
CA ASP A 21 2.35 17.51 -6.83
C ASP A 21 2.91 16.44 -5.91
N GLY A 22 2.90 15.20 -6.35
CA GLY A 22 3.15 14.04 -5.48
C GLY A 22 2.04 13.76 -4.50
N SER A 23 2.36 13.13 -3.37
CA SER A 23 1.33 12.50 -2.52
C SER A 23 1.51 13.03 -1.09
N TYR A 24 0.37 12.97 -0.39
CA TYR A 24 0.13 13.64 0.90
C TYR A 24 -0.90 12.76 1.64
N THR A 25 -1.42 13.27 2.78
CA THR A 25 -2.34 12.55 3.60
C THR A 25 -3.82 12.68 3.17
N GLY A 26 -4.16 13.75 2.50
CA GLY A 26 -5.46 13.84 1.84
C GLY A 26 -5.66 15.26 1.29
N ILE A 27 -6.89 15.65 1.01
CA ILE A 27 -7.20 16.91 0.26
C ILE A 27 -8.00 17.79 1.19
N ARG A 28 -7.65 19.05 1.23
CA ARG A 28 -8.47 19.98 1.93
C ARG A 28 -9.27 20.94 0.98
N ILE A 29 -8.58 21.57 0.04
CA ILE A 29 -9.19 22.56 -0.86
C ILE A 29 -8.68 22.30 -2.29
N ILE A 30 -9.57 22.43 -3.28
CA ILE A 30 -9.15 22.49 -4.68
C ILE A 30 -9.57 23.85 -5.21
N GLU A 31 -8.71 24.52 -5.95
CA GLU A 31 -9.00 25.85 -6.54
C GLU A 31 -8.81 25.62 -8.01
N LEU A 32 -9.76 25.99 -8.79
CA LEU A 32 -9.61 25.88 -10.23
C LEU A 32 -10.26 27.07 -10.87
N SER A 33 -9.94 27.28 -12.14
CA SER A 33 -10.64 28.32 -12.89
C SER A 33 -11.24 27.63 -14.10
N TYR A 34 -12.32 28.18 -14.61
CA TYR A 34 -12.97 27.48 -15.80
C TYR A 34 -13.67 28.50 -16.64
N LYS A 35 -13.99 28.07 -17.87
CA LYS A 35 -14.89 28.81 -18.74
C LYS A 35 -15.28 27.76 -19.77
N GLU A 36 -14.66 27.80 -20.94
CA GLU A 36 -14.83 26.71 -21.93
C GLU A 36 -14.01 25.50 -21.57
N ALA A 37 -12.94 25.69 -20.83
CA ALA A 37 -12.12 24.57 -20.41
C ALA A 37 -11.64 24.85 -18.99
N ILE A 38 -10.82 23.94 -18.46
CA ILE A 38 -10.24 24.20 -17.11
C ILE A 38 -8.93 24.94 -17.36
N GLY A 39 -8.68 26.01 -16.61
CA GLY A 39 -7.52 26.77 -16.68
C GLY A 39 -6.53 26.48 -15.57
N SER A 40 -6.75 27.18 -14.47
CA SER A 40 -5.97 27.08 -13.31
C SER A 40 -6.31 25.77 -12.55
N PHE A 41 -5.35 25.19 -11.87
CA PHE A 41 -5.66 24.07 -10.98
C PHE A 41 -4.63 24.05 -9.84
N SER A 42 -5.08 24.17 -8.59
CA SER A 42 -4.12 24.06 -7.46
CA SER A 42 -4.13 24.10 -7.45
C SER A 42 -4.76 23.45 -6.28
N VAL A 43 -3.94 22.89 -5.40
CA VAL A 43 -4.55 22.15 -4.35
C VAL A 43 -3.92 22.47 -2.97
N ILE A 44 -4.68 22.57 -1.93
CA ILE A 44 -4.16 22.58 -0.53
CA ILE A 44 -4.17 22.59 -0.52
C ILE A 44 -4.41 21.19 0.02
N TYR A 45 -3.32 20.47 0.27
CA TYR A 45 -3.38 19.16 0.73
C TYR A 45 -3.45 19.09 2.32
N ASP A 46 -3.77 17.97 2.89
CA ASP A 46 -3.53 17.76 4.31
C ASP A 46 -2.23 16.95 4.35
N LEU A 47 -1.29 17.32 5.17
CA LEU A 47 -0.04 16.66 5.37
C LEU A 47 -0.01 16.38 6.92
N ASN A 48 -0.38 15.20 7.37
CA ASN A 48 -0.24 14.85 8.76
C ASN A 48 -1.02 15.75 9.68
N GLY A 49 -2.13 16.23 9.16
CA GLY A 49 -3.04 17.07 9.97
C GLY A 49 -2.85 18.59 9.84
N GLU A 50 -1.90 19.07 9.04
CA GLU A 50 -1.74 20.44 8.75
C GLU A 50 -1.83 20.66 7.26
N PRO A 51 -2.28 21.86 6.84
CA PRO A 51 -2.43 22.14 5.42
C PRO A 51 -1.00 22.26 4.80
N PHE A 52 -0.90 21.86 3.57
CA PHE A 52 0.30 22.07 2.76
C PHE A 52 -0.13 22.50 1.40
N SER A 53 0.46 23.63 0.96
CA SER A 53 0.01 24.24 -0.29
C SER A 53 0.69 23.58 -1.48
N GLY A 54 -0.08 22.93 -2.37
CA GLY A 54 0.48 22.42 -3.57
C GLY A 54 1.08 23.54 -4.41
N SER A 55 1.99 23.21 -5.31
CA SER A 55 2.37 24.24 -6.30
C SER A 55 1.14 24.78 -7.09
N LYS A 56 1.24 26.02 -7.41
CA LYS A 56 0.23 26.74 -8.27
C LYS A 56 0.45 26.30 -9.72
N HIS A 57 -0.61 25.92 -10.41
CA HIS A 57 -0.57 25.54 -11.89
C HIS A 57 -1.55 26.44 -12.58
N THR A 58 -1.11 27.68 -12.59
CA THR A 58 -1.95 28.83 -12.92
C THR A 58 -2.13 29.05 -14.46
N SER A 59 -3.36 29.44 -14.85
CA SER A 59 -3.68 30.04 -16.17
C SER A 59 -3.85 31.55 -16.01
N LYS A 60 -3.08 32.26 -16.84
CA LYS A 60 -3.28 33.68 -17.17
C LYS A 60 -4.65 34.12 -17.73
N LEU A 61 -5.34 33.22 -18.42
CA LEU A 61 -6.64 33.50 -19.05
C LEU A 61 -7.67 33.97 -18.00
N PRO A 62 -8.54 34.96 -18.37
CA PRO A 62 -9.54 35.59 -17.44
C PRO A 62 -10.82 34.73 -17.23
N TYR A 63 -10.69 33.69 -16.41
CA TYR A 63 -11.69 32.65 -16.29
C TYR A 63 -12.31 32.82 -14.91
N THR A 64 -13.36 32.05 -14.61
CA THR A 64 -14.01 32.10 -13.37
C THR A 64 -13.24 31.22 -12.34
N ASN A 65 -12.82 31.84 -11.23
CA ASN A 65 -12.22 31.07 -10.08
C ASN A 65 -13.26 30.40 -9.13
N VAL A 66 -13.03 29.16 -8.71
CA VAL A 66 -13.97 28.52 -7.79
C VAL A 66 -13.03 27.93 -6.71
N LYS A 67 -13.40 27.97 -5.43
CA LYS A 67 -12.67 27.24 -4.39
C LYS A 67 -13.57 26.12 -3.80
N ILE A 68 -13.09 24.84 -3.79
CA ILE A 68 -13.88 23.70 -3.37
C ILE A 68 -13.26 23.26 -2.04
N GLU A 69 -13.96 23.50 -0.95
CA GLU A 69 -13.44 23.33 0.38
C GLU A 69 -14.12 22.10 1.00
N LEU A 70 -13.38 21.03 1.17
CA LEU A 70 -13.93 19.81 1.72
C LEU A 70 -13.86 19.97 3.24
N GLN A 71 -14.83 19.35 3.91
CA GLN A 71 -14.67 19.19 5.39
C GLN A 71 -13.77 18.01 5.77
N PHE A 72 -12.47 18.18 5.53
CA PHE A 72 -11.49 17.11 5.80
C PHE A 72 -11.35 16.87 7.33
N PRO A 73 -11.20 15.62 7.79
CA PRO A 73 -10.98 14.40 6.99
C PRO A 73 -12.25 13.55 6.82
N GLU A 74 -13.33 13.98 7.47
CA GLU A 74 -14.62 13.28 7.41
C GLU A 74 -15.24 13.29 6.02
N GLU A 75 -15.02 14.41 5.33
CA GLU A 75 -15.43 14.58 3.95
C GLU A 75 -14.27 14.38 2.99
N PHE A 76 -14.50 13.53 2.02
CA PHE A 76 -13.45 13.25 1.03
C PHE A 76 -14.05 12.92 -0.27
N LEU A 77 -13.20 12.98 -1.29
CA LEU A 77 -13.62 12.65 -2.59
C LEU A 77 -13.87 11.16 -2.79
N VAL A 78 -15.01 10.88 -3.39
CA VAL A 78 -15.38 9.58 -3.85
C VAL A 78 -15.51 9.44 -5.39
N SER A 79 -15.43 10.51 -6.14
CA SER A 79 -15.48 10.50 -7.63
C SER A 79 -14.76 11.71 -8.16
N VAL A 80 -13.95 11.50 -9.19
CA VAL A 80 -13.35 12.52 -10.04
C VAL A 80 -13.82 12.10 -11.39
N SER A 81 -14.36 13.07 -12.13
CA SER A 81 -14.77 12.83 -13.51
C SER A 81 -14.68 14.12 -14.35
N GLY A 82 -14.83 13.99 -15.65
CA GLY A 82 -14.66 15.15 -16.51
C GLY A 82 -14.72 14.81 -17.96
N TYR A 83 -14.38 15.76 -18.78
CA TYR A 83 -14.35 15.60 -20.23
C TYR A 83 -13.05 16.14 -20.79
N THR A 84 -12.50 15.45 -21.83
CA THR A 84 -11.32 15.92 -22.53
C THR A 84 -11.60 16.07 -24.00
N ALA A 85 -11.00 17.08 -24.62
CA ALA A 85 -11.15 17.34 -26.12
C ALA A 85 -10.29 18.56 -26.47
N PRO A 86 -10.06 18.77 -27.81
CA PRO A 86 -9.37 19.98 -28.18
C PRO A 86 -10.29 21.17 -27.91
N PHE A 87 -9.66 22.32 -27.86
CA PHE A 87 -10.35 23.56 -27.66
C PHE A 87 -9.83 24.52 -28.73
N SER A 88 -10.74 24.79 -29.67
CA SER A 88 -10.79 25.93 -30.63
C SER A 88 -9.50 26.55 -31.11
N SER A 89 -8.97 27.54 -30.39
CA SER A 89 -7.72 28.22 -30.79
C SER A 89 -6.51 27.85 -29.94
N LEU A 90 -6.73 27.78 -28.64
CA LEU A 90 -5.65 27.56 -27.70
C LEU A 90 -5.10 26.12 -27.73
N ALA A 91 -5.91 25.12 -28.07
CA ALA A 91 -5.50 23.73 -28.04
C ALA A 91 -6.09 23.02 -29.22
N THR A 92 -5.54 23.30 -30.40
CA THR A 92 -6.14 22.75 -31.62
C THR A 92 -5.68 21.35 -31.91
N ARG A 93 -4.44 21.03 -31.48
CA ARG A 93 -3.92 19.76 -31.84
C ARG A 93 -4.23 18.66 -30.92
N THR A 94 -4.21 18.95 -29.60
CA THR A 94 -4.26 17.94 -28.62
C THR A 94 -5.41 18.29 -27.67
N PRO A 95 -6.05 17.23 -27.08
CA PRO A 95 -7.12 17.39 -26.12
C PRO A 95 -6.61 18.03 -24.84
N VAL A 96 -7.47 18.80 -24.18
CA VAL A 96 -7.23 19.49 -22.88
C VAL A 96 -8.38 19.05 -22.05
N VAL A 97 -8.29 19.36 -20.76
CA VAL A 97 -9.38 18.99 -19.83
C VAL A 97 -10.43 20.13 -19.99
N ARG A 98 -11.56 19.74 -20.52
CA ARG A 98 -12.72 20.67 -20.88
C ARG A 98 -13.65 20.94 -19.66
N SER A 99 -13.76 19.96 -18.78
CA SER A 99 -14.59 20.00 -17.58
C SER A 99 -14.02 19.04 -16.52
N LEU A 100 -14.40 19.39 -15.26
CA LEU A 100 -14.12 18.56 -14.13
C LEU A 100 -15.34 18.65 -13.21
N LYS A 101 -15.57 17.53 -12.60
CA LYS A 101 -16.62 17.36 -11.58
C LYS A 101 -16.11 16.41 -10.47
N PHE A 102 -16.45 16.76 -9.22
CA PHE A 102 -16.03 16.03 -8.03
C PHE A 102 -17.19 15.67 -7.09
N LYS A 103 -17.29 14.45 -6.66
CA LYS A 103 -18.33 14.02 -5.69
C LYS A 103 -17.72 13.64 -4.37
N THR A 104 -18.44 13.93 -3.26
CA THR A 104 -17.90 13.56 -2.00
C THR A 104 -18.78 12.55 -1.28
N ASN A 105 -18.19 12.01 -0.24
CA ASN A 105 -18.81 11.05 0.57
C ASN A 105 -20.04 11.54 1.32
N LYS A 106 -20.10 12.83 1.48
CA LYS A 106 -21.26 13.44 2.10
C LYS A 106 -22.32 13.87 1.08
N GLY A 107 -22.24 13.38 -0.16
CA GLY A 107 -23.19 13.63 -1.22
C GLY A 107 -23.17 15.03 -1.81
N ARG A 108 -22.11 15.83 -1.59
CA ARG A 108 -21.87 17.05 -2.26
C ARG A 108 -21.29 16.72 -3.68
N THR A 109 -21.79 17.48 -4.67
CA THR A 109 -21.20 17.57 -5.97
C THR A 109 -20.65 18.92 -6.15
N PHE A 110 -19.44 19.01 -6.70
CA PHE A 110 -18.82 20.27 -7.03
C PHE A 110 -18.58 20.20 -8.53
N GLY A 111 -19.28 21.06 -9.23
CA GLY A 111 -19.19 21.15 -10.72
C GLY A 111 -20.46 20.57 -11.34
N PRO A 112 -20.44 20.23 -12.62
CA PRO A 112 -19.35 20.38 -13.57
C PRO A 112 -18.89 21.76 -13.72
N TYR A 113 -17.60 21.92 -13.85
CA TYR A 113 -16.92 23.17 -14.15
C TYR A 113 -16.34 23.01 -15.50
N GLY A 114 -16.61 23.96 -16.39
CA GLY A 114 -16.13 23.93 -17.76
C GLY A 114 -17.26 23.63 -18.73
N GLU A 115 -16.91 22.96 -19.80
CA GLU A 115 -17.90 22.49 -20.75
C GLU A 115 -17.78 20.98 -21.01
N GLU A 116 -18.92 20.29 -21.02
CA GLU A 116 -18.98 18.86 -21.16
C GLU A 116 -18.88 18.36 -22.64
N ASP A 117 -17.73 18.50 -23.23
CA ASP A 117 -17.55 18.17 -24.63
C ASP A 117 -16.34 17.26 -24.73
N GLY A 118 -16.47 16.25 -25.60
CA GLY A 118 -15.45 15.38 -26.00
C GLY A 118 -15.66 14.08 -25.26
N THR A 119 -14.55 13.51 -24.78
CA THR A 119 -14.43 12.15 -24.26
C THR A 119 -14.50 12.18 -22.73
N TYR A 120 -15.38 11.32 -22.24
CA TYR A 120 -15.81 11.27 -20.85
C TYR A 120 -14.79 10.52 -20.13
N PHE A 121 -14.51 10.94 -18.86
CA PHE A 121 -13.70 10.12 -17.99
C PHE A 121 -14.33 10.16 -16.64
N ASN A 122 -14.23 9.02 -16.01
CA ASN A 122 -14.91 8.80 -14.70
C ASN A 122 -14.13 7.87 -13.81
N LEU A 123 -13.75 8.37 -12.64
CA LEU A 123 -13.14 7.51 -11.60
C LEU A 123 -13.99 7.48 -10.33
N PRO A 124 -14.89 6.52 -10.22
CA PRO A 124 -15.54 6.26 -8.94
C PRO A 124 -14.65 5.49 -8.02
N ILE A 125 -14.51 5.94 -6.79
CA ILE A 125 -13.54 5.33 -5.82
C ILE A 125 -14.40 4.61 -4.80
N GLU A 126 -14.28 3.30 -4.78
CA GLU A 126 -15.09 2.49 -3.83
C GLU A 126 -14.38 2.40 -2.50
N ASN A 127 -13.06 2.27 -2.56
CA ASN A 127 -12.21 2.32 -1.34
C ASN A 127 -10.92 2.93 -1.68
N GLY A 128 -10.45 3.85 -0.84
CA GLY A 128 -9.16 4.47 -1.06
C GLY A 128 -9.41 5.95 -1.02
N LEU A 129 -8.34 6.72 -1.00
CA LEU A 129 -8.38 8.14 -0.89
C LEU A 129 -7.49 8.77 -1.96
N VAL A 130 -7.92 9.92 -2.50
CA VAL A 130 -7.10 10.70 -3.39
C VAL A 130 -6.10 11.41 -2.49
N VAL A 131 -4.78 11.26 -2.78
CA VAL A 131 -3.71 11.83 -1.94
C VAL A 131 -2.85 12.74 -2.73
N GLY A 132 -3.18 13.01 -4.00
CA GLY A 132 -2.35 13.87 -4.80
C GLY A 132 -2.82 13.97 -6.26
N PHE A 133 -2.40 14.99 -6.96
CA PHE A 133 -2.72 15.13 -8.36
C PHE A 133 -1.42 15.36 -9.10
N LYS A 134 -1.51 15.03 -10.35
CA LYS A 134 -0.49 15.36 -11.37
C LYS A 134 -1.16 15.84 -12.59
N GLY A 135 -0.38 16.44 -13.51
CA GLY A 135 -0.99 16.92 -14.72
C GLY A 135 -0.10 17.57 -15.69
N ARG A 136 -0.71 18.39 -16.55
CA ARG A 136 0.17 19.14 -17.50
C ARG A 136 -0.61 20.43 -17.68
N THR A 137 0.11 21.52 -17.76
CA THR A 137 -0.59 22.77 -17.90
C THR A 137 0.25 23.64 -18.85
N GLY A 138 -0.45 24.31 -19.78
CA GLY A 138 0.19 25.32 -20.63
C GLY A 138 -0.52 26.64 -20.34
N ASP A 139 -1.33 27.12 -21.31
CA ASP A 139 -2.42 28.08 -21.03
C ASP A 139 -3.59 27.51 -20.31
N LEU A 140 -3.79 26.19 -20.41
CA LEU A 140 -4.95 25.48 -19.86
C LEU A 140 -4.47 24.18 -19.20
N LEU A 141 -5.36 23.53 -18.43
CA LEU A 141 -5.05 22.20 -17.93
C LEU A 141 -5.16 21.22 -19.09
N ASP A 142 -4.02 20.81 -19.69
CA ASP A 142 -3.97 19.83 -20.71
C ASP A 142 -4.29 18.41 -20.22
N ALA A 143 -3.82 18.05 -19.01
CA ALA A 143 -4.06 16.70 -18.49
C ALA A 143 -4.18 16.70 -16.99
N ILE A 144 -4.79 15.60 -16.46
CA ILE A 144 -4.79 15.42 -15.00
CA ILE A 144 -4.92 15.42 -15.04
C ILE A 144 -4.82 13.90 -14.70
N GLY A 145 -4.24 13.58 -13.54
CA GLY A 145 -4.16 12.21 -13.07
C GLY A 145 -4.17 12.36 -11.52
N VAL A 146 -4.37 11.21 -10.89
CA VAL A 146 -4.48 11.12 -9.44
CA VAL A 146 -4.62 11.02 -9.48
C VAL A 146 -3.70 9.99 -8.81
N HIS A 147 -3.05 10.40 -7.77
CA HIS A 147 -2.47 9.44 -6.89
C HIS A 147 -3.42 9.03 -5.79
N MET A 148 -3.41 7.72 -5.48
CA MET A 148 -4.39 7.19 -4.46
C MET A 148 -3.67 6.29 -3.44
N ALA A 149 -4.20 6.20 -2.24
CA ALA A 149 -3.61 5.38 -1.17
C ALA A 149 -4.75 4.82 -0.34
N LEU A 150 -4.39 3.95 0.58
CA LEU A 150 -5.25 3.19 1.54
C LEU A 150 -5.68 1.72 1.19
N MET B 1 -12.16 -5.87 10.57
CA MET B 1 -11.85 -6.34 9.18
C MET B 1 -10.36 -6.74 9.03
N ALA B 2 -9.98 -7.18 7.83
CA ALA B 2 -8.64 -7.74 7.55
C ALA B 2 -7.98 -6.95 6.39
N SER B 3 -7.04 -7.53 5.64
CA SER B 3 -6.34 -6.67 4.62
C SER B 3 -7.30 -6.18 3.52
N GLN B 4 -7.06 -4.94 3.05
CA GLN B 4 -7.87 -4.34 1.95
C GLN B 4 -6.98 -3.77 0.88
N THR B 5 -7.57 -3.57 -0.32
CA THR B 5 -6.94 -2.87 -1.40
C THR B 5 -7.80 -1.68 -1.87
N ILE B 6 -7.16 -0.82 -2.62
CA ILE B 6 -7.82 0.23 -3.34
C ILE B 6 -8.76 -0.37 -4.36
N THR B 7 -9.98 0.15 -4.44
CA THR B 7 -10.99 -0.34 -5.31
C THR B 7 -11.68 0.78 -6.02
N VAL B 8 -11.62 0.67 -7.32
CA VAL B 8 -12.30 1.63 -8.20
CA VAL B 8 -12.25 1.60 -8.31
C VAL B 8 -13.47 1.01 -9.02
N GLY B 9 -14.48 1.83 -9.42
CA GLY B 9 -15.65 1.31 -10.03
C GLY B 9 -16.74 1.48 -8.97
N PRO B 10 -17.92 0.95 -9.23
CA PRO B 10 -18.15 0.14 -10.39
C PRO B 10 -18.54 0.92 -11.63
N TRP B 11 -18.34 0.31 -12.77
CA TRP B 11 -18.88 0.81 -14.10
C TRP B 11 -19.93 -0.15 -14.50
N GLY B 12 -21.14 0.32 -14.91
CA GLY B 12 -22.22 -0.45 -15.34
C GLY B 12 -23.36 -0.02 -14.45
N GLY B 13 -24.32 -0.89 -14.46
CA GLY B 13 -25.61 -0.68 -13.83
C GLY B 13 -25.75 -1.39 -12.58
N PRO B 14 -26.88 -1.17 -11.87
CA PRO B 14 -27.23 -1.85 -10.68
C PRO B 14 -27.96 -3.21 -10.82
N GLY B 15 -28.26 -3.70 -12.03
CA GLY B 15 -28.82 -5.04 -12.18
C GLY B 15 -27.97 -6.30 -11.92
N GLY B 16 -28.55 -7.49 -11.94
CA GLY B 16 -27.84 -8.75 -11.62
C GLY B 16 -27.48 -8.88 -10.16
N ASN B 17 -26.56 -9.75 -9.85
CA ASN B 17 -26.15 -10.16 -8.46
C ASN B 17 -24.68 -9.83 -8.34
N GLU B 18 -24.31 -9.27 -7.19
CA GLU B 18 -22.96 -8.74 -7.00
C GLU B 18 -22.14 -9.97 -6.74
N TRP B 19 -20.88 -9.87 -7.16
CA TRP B 19 -19.81 -10.75 -6.79
C TRP B 19 -18.49 -9.96 -6.63
N ASP B 20 -17.58 -10.59 -5.94
CA ASP B 20 -16.31 -9.92 -5.64
C ASP B 20 -15.32 -11.01 -5.49
N ASP B 21 -14.35 -11.11 -6.41
CA ASP B 21 -13.37 -12.11 -6.33
C ASP B 21 -12.37 -11.85 -5.21
N GLY B 22 -12.22 -10.63 -4.76
CA GLY B 22 -11.19 -10.29 -3.76
C GLY B 22 -9.89 -9.96 -4.45
N SER B 23 -8.82 -9.97 -3.66
CA SER B 23 -7.51 -9.60 -4.16
CA SER B 23 -7.51 -9.57 -4.12
C SER B 23 -6.48 -10.71 -4.02
N TYR B 24 -5.51 -10.64 -4.91
CA TYR B 24 -4.50 -11.68 -5.11
C TYR B 24 -3.21 -10.92 -5.42
N THR B 25 -2.32 -11.62 -6.12
N THR B 25 -2.28 -11.57 -6.11
CA THR B 25 -1.01 -11.12 -6.42
CA THR B 25 -0.99 -10.94 -6.43
C THR B 25 -0.89 -10.54 -7.84
C THR B 25 -0.85 -10.55 -7.91
N GLY B 26 -1.76 -11.00 -8.76
CA GLY B 26 -1.86 -10.49 -10.06
C GLY B 26 -2.84 -11.24 -10.91
N ILE B 27 -2.68 -11.18 -12.21
CA ILE B 27 -3.63 -11.71 -13.19
C ILE B 27 -2.89 -12.62 -14.13
N ARG B 28 -3.38 -13.83 -14.34
CA ARG B 28 -2.77 -14.70 -15.37
C ARG B 28 -3.70 -14.73 -16.57
N ILE B 29 -4.97 -15.01 -16.37
CA ILE B 29 -5.90 -15.25 -17.51
C ILE B 29 -7.25 -14.58 -17.21
N ILE B 30 -7.83 -13.90 -18.21
CA ILE B 30 -9.25 -13.40 -18.20
C ILE B 30 -9.99 -14.28 -19.24
N GLU B 31 -11.17 -14.78 -18.89
CA GLU B 31 -12.03 -15.49 -19.81
C GLU B 31 -13.33 -14.69 -19.86
N LEU B 32 -13.88 -14.46 -21.00
CA LEU B 32 -15.11 -13.73 -21.04
C LEU B 32 -15.83 -14.23 -22.25
N SER B 33 -17.06 -13.80 -22.38
CA SER B 33 -17.83 -14.17 -23.57
C SER B 33 -18.52 -12.93 -24.04
N TYR B 34 -18.80 -12.83 -25.36
CA TYR B 34 -19.28 -11.56 -25.83
C TYR B 34 -20.14 -11.82 -27.09
N LYS B 35 -21.09 -10.92 -27.30
CA LYS B 35 -21.80 -10.74 -28.59
C LYS B 35 -22.07 -9.23 -28.77
N GLU B 36 -23.24 -8.74 -28.35
CA GLU B 36 -23.50 -7.35 -28.46
C GLU B 36 -23.28 -6.70 -27.06
N ALA B 37 -22.90 -7.52 -26.09
CA ALA B 37 -22.51 -7.09 -24.78
C ALA B 37 -21.56 -8.15 -24.23
N ILE B 38 -21.09 -7.91 -23.04
CA ILE B 38 -20.35 -8.98 -22.29
C ILE B 38 -21.18 -9.93 -21.51
N GLY B 39 -21.00 -11.23 -21.74
CA GLY B 39 -21.69 -12.31 -21.03
C GLY B 39 -20.95 -12.79 -19.79
N SER B 40 -20.14 -13.84 -19.99
CA SER B 40 -19.40 -14.54 -18.99
C SER B 40 -18.18 -13.64 -18.62
N PHE B 41 -17.71 -13.77 -17.39
CA PHE B 41 -16.44 -13.12 -17.02
C PHE B 41 -15.80 -13.87 -15.88
N SER B 42 -14.56 -14.38 -16.07
CA SER B 42 -13.90 -15.13 -14.96
C SER B 42 -12.43 -14.98 -15.06
N VAL B 43 -11.64 -15.20 -13.97
CA VAL B 43 -10.27 -14.81 -13.98
C VAL B 43 -9.47 -15.89 -13.28
N ILE B 44 -8.31 -16.24 -13.81
CA ILE B 44 -7.32 -17.04 -13.09
C ILE B 44 -6.28 -16.05 -12.63
N TYR B 45 -6.19 -15.83 -11.31
CA TYR B 45 -5.35 -14.98 -10.68
C TYR B 45 -3.98 -15.63 -10.49
N ASP B 46 -2.98 -14.80 -10.28
CA ASP B 46 -1.68 -15.24 -9.64
C ASP B 46 -1.94 -15.07 -8.17
N LEU B 47 -1.60 -16.10 -7.42
CA LEU B 47 -1.44 -16.06 -5.97
C LEU B 47 -0.06 -16.60 -5.56
N ASN B 48 0.84 -15.68 -5.34
CA ASN B 48 2.16 -15.91 -4.78
C ASN B 48 2.87 -16.90 -5.67
N GLY B 49 2.65 -16.69 -7.00
CA GLY B 49 3.38 -17.47 -8.03
C GLY B 49 2.73 -18.76 -8.43
N GLU B 50 1.49 -19.14 -7.97
CA GLU B 50 0.68 -20.15 -8.61
C GLU B 50 -0.72 -19.69 -8.98
N PRO B 51 -1.36 -20.37 -9.92
CA PRO B 51 -2.69 -19.86 -10.34
C PRO B 51 -3.73 -20.13 -9.26
N PHE B 52 -4.73 -19.28 -9.20
CA PHE B 52 -5.82 -19.42 -8.31
C PHE B 52 -7.01 -19.03 -9.16
N SER B 53 -7.91 -19.96 -9.28
CA SER B 53 -9.12 -19.71 -10.01
C SER B 53 -10.18 -18.93 -9.22
N GLY B 54 -10.60 -17.83 -9.80
CA GLY B 54 -11.79 -17.09 -9.32
C GLY B 54 -13.03 -17.86 -9.66
N SER B 55 -14.13 -17.53 -8.97
CA SER B 55 -15.41 -18.11 -9.21
C SER B 55 -15.83 -17.68 -10.63
N LYS B 56 -16.50 -18.62 -11.28
CA LYS B 56 -16.95 -18.44 -12.58
C LYS B 56 -18.21 -17.57 -12.42
N HIS B 57 -18.28 -16.58 -13.29
CA HIS B 57 -19.45 -15.66 -13.42
C HIS B 57 -19.96 -15.83 -14.82
N THR B 58 -20.55 -16.99 -15.06
CA THR B 58 -20.80 -17.40 -16.44
CA THR B 58 -20.83 -17.48 -16.42
C THR B 58 -22.19 -16.92 -16.88
N SER B 59 -22.28 -16.61 -18.17
CA SER B 59 -23.56 -16.32 -18.80
C SER B 59 -23.95 -17.53 -19.64
N LYS B 60 -25.26 -17.81 -19.68
CA LYS B 60 -25.79 -19.01 -20.33
C LYS B 60 -26.04 -18.69 -21.79
N LEU B 61 -25.94 -17.41 -22.14
CA LEU B 61 -26.21 -16.95 -23.46
C LEU B 61 -25.23 -17.51 -24.53
N PRO B 62 -25.71 -17.79 -25.75
CA PRO B 62 -24.87 -18.38 -26.84
C PRO B 62 -23.85 -17.37 -27.46
N TYR B 63 -22.81 -17.06 -26.68
CA TYR B 63 -21.85 -15.98 -27.04
C TYR B 63 -20.52 -16.61 -27.46
N THR B 64 -19.62 -15.78 -27.97
CA THR B 64 -18.25 -16.11 -28.33
C THR B 64 -17.29 -16.00 -27.12
N ASN B 65 -16.59 -17.07 -26.85
CA ASN B 65 -15.71 -17.12 -25.68
C ASN B 65 -14.32 -16.72 -26.04
N VAL B 66 -13.67 -15.98 -25.12
N VAL B 66 -13.64 -16.01 -25.16
CA VAL B 66 -12.31 -15.45 -25.32
CA VAL B 66 -12.26 -15.72 -25.42
C VAL B 66 -11.45 -15.62 -24.08
C VAL B 66 -11.56 -15.97 -24.13
N LYS B 67 -10.25 -16.14 -24.28
CA LYS B 67 -9.28 -16.40 -23.23
C LYS B 67 -8.17 -15.40 -23.51
N ILE B 68 -7.89 -14.52 -22.56
CA ILE B 68 -6.81 -13.62 -22.60
C ILE B 68 -5.75 -14.18 -21.69
N GLU B 69 -4.65 -14.69 -22.25
CA GLU B 69 -3.56 -15.22 -21.49
C GLU B 69 -2.42 -14.14 -21.46
N LEU B 70 -2.04 -13.63 -20.31
CA LEU B 70 -0.92 -12.72 -20.18
C LEU B 70 0.32 -13.57 -19.99
N GLN B 71 1.45 -13.00 -20.40
CA GLN B 71 2.75 -13.55 -20.09
C GLN B 71 3.14 -13.08 -18.73
N PHE B 72 2.47 -13.65 -17.75
CA PHE B 72 2.77 -13.43 -16.37
C PHE B 72 4.14 -14.05 -16.03
N PRO B 73 4.96 -13.33 -15.23
CA PRO B 73 4.68 -12.05 -14.55
C PRO B 73 5.15 -10.79 -15.29
N GLU B 74 5.84 -10.99 -16.39
CA GLU B 74 6.44 -9.89 -17.05
C GLU B 74 5.43 -8.95 -17.81
N GLU B 75 4.28 -9.51 -18.12
CA GLU B 75 3.22 -8.81 -18.83
C GLU B 75 2.05 -8.70 -17.82
N PHE B 76 1.58 -7.49 -17.76
CA PHE B 76 0.46 -7.10 -16.84
C PHE B 76 -0.39 -6.01 -17.47
N LEU B 77 -1.62 -5.83 -16.92
CA LEU B 77 -2.55 -4.89 -17.48
C LEU B 77 -2.10 -3.53 -17.12
N VAL B 78 -2.21 -2.59 -18.04
CA VAL B 78 -2.04 -1.19 -17.75
C VAL B 78 -3.25 -0.32 -18.01
N SER B 79 -4.33 -0.92 -18.42
CA SER B 79 -5.54 -0.18 -18.88
C SER B 79 -6.66 -1.11 -18.92
N VAL B 80 -7.82 -0.75 -18.36
CA VAL B 80 -9.07 -1.48 -18.50
C VAL B 80 -10.06 -0.39 -18.97
N SER B 81 -10.74 -0.66 -20.06
CA SER B 81 -11.68 0.32 -20.56
C SER B 81 -12.87 -0.40 -21.19
N GLY B 82 -13.93 0.34 -21.49
CA GLY B 82 -15.09 -0.27 -22.09
C GLY B 82 -16.22 0.67 -22.19
N TYR B 83 -17.40 0.08 -22.44
CA TYR B 83 -18.65 0.92 -22.63
C TYR B 83 -19.77 0.32 -21.87
N THR B 84 -20.62 1.16 -21.28
CA THR B 84 -21.83 0.68 -20.64
C THR B 84 -23.08 1.42 -21.21
N ALA B 85 -24.15 0.67 -21.26
CA ALA B 85 -25.45 1.14 -21.86
C ALA B 85 -26.42 0.00 -21.68
N PRO B 86 -27.77 0.33 -21.76
CA PRO B 86 -28.76 -0.70 -21.66
C PRO B 86 -28.67 -1.55 -22.92
N PHE B 87 -29.25 -2.73 -22.86
CA PHE B 87 -29.24 -3.61 -23.99
C PHE B 87 -30.71 -4.04 -24.37
N SER B 88 -31.21 -3.45 -25.47
CA SER B 88 -32.55 -3.77 -26.10
C SER B 88 -33.13 -5.11 -25.76
N SER B 89 -32.42 -6.16 -26.14
CA SER B 89 -32.85 -7.51 -25.74
C SER B 89 -32.60 -7.82 -24.25
N LEU B 90 -33.34 -7.12 -23.39
CA LEU B 90 -33.38 -7.37 -21.96
C LEU B 90 -34.64 -6.71 -21.45
N ALA B 91 -35.14 -7.21 -20.32
CA ALA B 91 -36.39 -6.77 -19.72
C ALA B 91 -36.20 -5.51 -18.90
N THR B 92 -35.14 -5.49 -18.11
CA THR B 92 -34.86 -4.28 -17.36
C THR B 92 -33.93 -3.41 -18.20
N ARG B 93 -34.25 -2.13 -18.25
CA ARG B 93 -33.47 -1.27 -19.11
C ARG B 93 -32.45 -0.49 -18.29
N THR B 94 -31.84 -1.16 -17.31
CA THR B 94 -30.63 -0.63 -16.66
C THR B 94 -29.35 -0.93 -17.54
N PRO B 95 -28.33 -0.14 -17.37
CA PRO B 95 -27.08 -0.31 -18.16
C PRO B 95 -26.34 -1.65 -17.84
N VAL B 96 -25.60 -2.20 -18.83
CA VAL B 96 -24.80 -3.35 -18.63
C VAL B 96 -23.45 -3.10 -19.30
N VAL B 97 -22.48 -3.96 -19.06
CA VAL B 97 -21.21 -3.84 -19.70
C VAL B 97 -21.36 -4.34 -21.16
N ARG B 98 -21.27 -3.35 -22.08
CA ARG B 98 -21.46 -3.61 -23.53
C ARG B 98 -20.15 -4.00 -24.13
N SER B 99 -19.05 -3.46 -23.64
CA SER B 99 -17.71 -3.68 -24.34
C SER B 99 -16.68 -3.68 -23.26
N LEU B 100 -15.61 -4.47 -23.42
CA LEU B 100 -14.41 -4.39 -22.60
C LEU B 100 -13.21 -4.40 -23.53
N LYS B 101 -12.21 -3.71 -23.10
CA LYS B 101 -10.83 -3.78 -23.81
C LYS B 101 -9.74 -3.66 -22.77
N PHE B 102 -8.57 -4.28 -23.00
CA PHE B 102 -7.53 -4.40 -22.00
C PHE B 102 -6.23 -4.15 -22.67
N LYS B 103 -5.42 -3.28 -22.10
CA LYS B 103 -4.01 -3.05 -22.67
C LYS B 103 -2.94 -3.45 -21.71
N THR B 104 -1.83 -3.92 -22.27
CA THR B 104 -0.75 -4.34 -21.44
C THR B 104 0.54 -3.56 -21.60
N ASN B 105 1.44 -3.70 -20.61
CA ASN B 105 2.72 -3.02 -20.63
C ASN B 105 3.59 -3.50 -21.80
N LYS B 106 3.30 -4.67 -22.34
N LYS B 106 3.32 -4.66 -22.35
CA LYS B 106 4.07 -5.25 -23.50
CA LYS B 106 4.14 -5.16 -23.48
C LYS B 106 3.72 -4.52 -24.80
C LYS B 106 3.46 -4.79 -24.80
N GLY B 107 2.67 -3.71 -24.75
CA GLY B 107 1.99 -3.16 -25.94
C GLY B 107 0.89 -3.94 -26.53
N ARG B 108 0.37 -4.99 -25.92
CA ARG B 108 -0.68 -5.78 -26.47
C ARG B 108 -2.02 -5.18 -26.05
N THR B 109 -2.93 -5.16 -27.02
N THR B 109 -2.92 -5.13 -27.02
CA THR B 109 -4.33 -4.82 -26.79
CA THR B 109 -4.34 -4.86 -26.75
C THR B 109 -5.26 -6.06 -26.99
C THR B 109 -5.21 -6.12 -26.92
N PHE B 110 -6.19 -6.34 -26.04
CA PHE B 110 -7.10 -7.46 -26.15
C PHE B 110 -8.52 -6.80 -26.14
N GLY B 111 -9.17 -6.96 -27.28
CA GLY B 111 -10.38 -6.26 -27.54
C GLY B 111 -10.25 -5.09 -28.52
N PRO B 112 -11.33 -4.32 -28.68
CA PRO B 112 -12.58 -4.41 -27.83
C PRO B 112 -13.40 -5.66 -28.11
N TYR B 113 -14.01 -6.24 -27.08
CA TYR B 113 -14.93 -7.34 -27.15
C TYR B 113 -16.30 -6.76 -26.85
N GLY B 114 -17.32 -7.23 -27.58
CA GLY B 114 -18.71 -6.72 -27.50
C GLY B 114 -18.88 -5.58 -28.41
N GLU B 115 -19.60 -4.58 -27.97
CA GLU B 115 -20.02 -3.51 -28.82
C GLU B 115 -19.83 -2.18 -28.07
N GLU B 116 -19.20 -1.23 -28.74
CA GLU B 116 -18.86 0.04 -28.22
C GLU B 116 -20.00 1.02 -28.28
N ASP B 117 -21.03 0.76 -27.47
CA ASP B 117 -22.30 1.56 -27.45
C ASP B 117 -22.46 2.10 -26.07
N GLY B 118 -22.87 3.35 -25.94
CA GLY B 118 -23.23 3.94 -24.63
C GLY B 118 -22.07 4.78 -24.09
N THR B 119 -21.86 4.67 -22.78
CA THR B 119 -20.98 5.60 -22.02
C THR B 119 -19.56 5.00 -21.90
N TYR B 120 -18.52 5.71 -22.33
CA TYR B 120 -17.08 5.26 -22.22
C TYR B 120 -16.64 5.23 -20.82
N PHE B 121 -15.84 4.21 -20.41
CA PHE B 121 -15.07 4.24 -19.19
C PHE B 121 -13.63 3.77 -19.48
N ASN B 122 -12.71 4.29 -18.71
CA ASN B 122 -11.33 4.19 -19.10
C ASN B 122 -10.51 4.43 -17.83
N LEU B 123 -9.84 3.38 -17.36
CA LEU B 123 -8.90 3.39 -16.24
C LEU B 123 -7.43 3.12 -16.74
N PRO B 124 -6.68 4.16 -17.15
CA PRO B 124 -5.22 4.05 -17.41
C PRO B 124 -4.50 3.92 -16.12
N ILE B 125 -3.64 2.95 -15.99
CA ILE B 125 -2.88 2.79 -14.72
C ILE B 125 -1.43 3.17 -14.99
N GLU B 126 -0.95 4.18 -14.28
CA GLU B 126 0.39 4.66 -14.46
C GLU B 126 1.33 3.96 -13.47
N ASN B 127 0.83 3.67 -12.30
CA ASN B 127 1.62 2.94 -11.28
C ASN B 127 0.69 2.11 -10.46
N GLY B 128 1.03 0.88 -10.21
CA GLY B 128 0.17 -0.07 -9.51
C GLY B 128 -0.29 -1.18 -10.43
N LEU B 129 -0.92 -2.18 -9.84
CA LEU B 129 -1.30 -3.35 -10.53
C LEU B 129 -2.71 -3.67 -10.23
N VAL B 130 -3.40 -4.29 -11.22
CA VAL B 130 -4.68 -4.86 -11.05
C VAL B 130 -4.47 -6.20 -10.34
N VAL B 131 -5.16 -6.38 -9.21
CA VAL B 131 -4.99 -7.60 -8.36
C VAL B 131 -6.31 -8.31 -8.03
N GLY B 132 -7.41 -7.79 -8.62
CA GLY B 132 -8.75 -8.49 -8.58
C GLY B 132 -9.83 -7.68 -9.26
N PHE B 133 -10.91 -8.40 -9.51
CA PHE B 133 -12.11 -7.85 -10.03
C PHE B 133 -13.26 -8.05 -9.06
N LYS B 134 -14.21 -7.16 -9.22
CA LYS B 134 -15.55 -7.30 -8.62
C LYS B 134 -16.54 -6.89 -9.68
N GLY B 135 -17.78 -7.29 -9.55
CA GLY B 135 -18.76 -6.99 -10.49
C GLY B 135 -20.18 -7.29 -10.11
N ARG B 136 -21.05 -7.41 -11.14
CA ARG B 136 -22.39 -7.89 -11.04
C ARG B 136 -22.78 -8.61 -12.33
N THR B 137 -23.40 -9.80 -12.17
CA THR B 137 -23.77 -10.65 -13.25
C THR B 137 -25.21 -11.11 -13.05
N GLY B 138 -26.00 -11.01 -14.09
CA GLY B 138 -27.37 -11.68 -14.13
C GLY B 138 -27.30 -12.61 -15.27
N ASP B 139 -27.98 -12.33 -16.38
N ASP B 139 -28.01 -12.32 -16.36
CA ASP B 139 -27.69 -13.10 -17.60
CA ASP B 139 -27.78 -13.09 -17.55
C ASP B 139 -26.51 -12.59 -18.34
C ASP B 139 -26.59 -12.57 -18.34
N LEU B 140 -26.02 -11.41 -17.98
CA LEU B 140 -24.85 -10.77 -18.67
C LEU B 140 -24.05 -10.06 -17.52
N LEU B 141 -22.91 -9.50 -17.90
CA LEU B 141 -22.14 -8.63 -16.99
C LEU B 141 -22.76 -7.28 -16.88
N ASP B 142 -23.42 -7.02 -15.73
CA ASP B 142 -24.04 -5.67 -15.49
C ASP B 142 -23.06 -4.62 -15.12
N ALA B 143 -22.01 -4.98 -14.35
CA ALA B 143 -21.01 -4.06 -13.89
C ALA B 143 -19.68 -4.75 -13.61
N ILE B 144 -18.69 -3.89 -13.59
CA ILE B 144 -17.33 -4.30 -13.34
C ILE B 144 -16.58 -3.25 -12.54
N GLY B 145 -15.61 -3.67 -11.69
CA GLY B 145 -14.79 -2.83 -10.90
C GLY B 145 -13.44 -3.54 -10.66
N VAL B 146 -12.47 -2.78 -10.16
N VAL B 146 -12.50 -2.81 -10.08
CA VAL B 146 -11.15 -3.34 -10.00
CA VAL B 146 -11.10 -3.18 -10.13
C VAL B 146 -10.52 -2.99 -8.73
C VAL B 146 -10.52 -2.98 -8.75
N HIS B 147 -9.85 -3.99 -8.19
CA HIS B 147 -9.01 -3.81 -7.06
C HIS B 147 -7.55 -3.53 -7.52
N MET B 148 -6.78 -2.68 -6.84
CA MET B 148 -5.42 -2.28 -7.28
CA MET B 148 -5.42 -2.33 -7.28
C MET B 148 -4.48 -2.31 -6.07
N ALA B 149 -3.21 -2.67 -6.29
CA ALA B 149 -2.21 -2.68 -5.19
C ALA B 149 -0.91 -2.23 -5.83
N LEU B 150 0.05 -1.94 -4.98
CA LEU B 150 1.44 -1.72 -5.48
C LEU B 150 2.27 -3.02 -5.69
N MET C 1 -10.29 8.39 9.10
CA MET C 1 -9.29 9.49 9.18
C MET C 1 -8.59 9.69 7.80
N ALA C 2 -7.46 10.38 7.80
CA ALA C 2 -6.61 10.58 6.60
C ALA C 2 -5.93 9.28 6.11
N SER C 3 -5.01 9.43 5.13
CA SER C 3 -4.18 8.32 4.68
C SER C 3 -3.19 7.86 5.78
N GLN C 4 -2.65 6.66 5.66
CA GLN C 4 -1.96 6.05 6.79
C GLN C 4 -1.02 4.97 6.30
N THR C 5 -0.17 4.57 7.24
CA THR C 5 0.97 3.78 6.91
C THR C 5 1.05 2.71 8.01
N ILE C 6 1.77 1.69 7.70
CA ILE C 6 2.14 0.63 8.61
C ILE C 6 2.99 1.22 9.67
N THR C 7 2.78 0.84 10.93
CA THR C 7 3.59 1.45 12.08
C THR C 7 4.12 0.38 13.00
N VAL C 8 5.45 0.36 13.17
CA VAL C 8 6.04 -0.69 13.99
C VAL C 8 6.64 0.01 15.17
N GLY C 9 6.69 -0.73 16.26
CA GLY C 9 7.22 -0.26 17.52
C GLY C 9 5.96 0.09 18.37
N PRO C 10 6.08 0.91 19.44
CA PRO C 10 7.29 1.62 19.81
C PRO C 10 8.25 0.68 20.53
N TRP C 11 9.56 0.97 20.45
CA TRP C 11 10.53 0.31 21.37
C TRP C 11 10.95 1.35 22.39
N GLY C 12 10.89 0.95 23.66
CA GLY C 12 11.29 1.90 24.74
C GLY C 12 10.20 1.88 25.77
N GLY C 13 10.19 2.91 26.55
CA GLY C 13 9.25 2.97 27.69
C GLY C 13 8.10 3.90 27.54
N PRO C 14 7.26 4.01 28.59
CA PRO C 14 6.05 4.96 28.63
C PRO C 14 6.26 6.37 29.16
N GLY C 15 7.49 6.73 29.48
CA GLY C 15 7.95 8.07 29.83
C GLY C 15 7.86 9.15 28.80
N GLY C 16 8.15 10.37 29.23
CA GLY C 16 8.09 11.63 28.46
C GLY C 16 6.72 11.80 27.80
N ASN C 17 6.71 12.60 26.74
CA ASN C 17 5.50 12.98 26.09
C ASN C 17 5.54 12.56 24.62
N GLU C 18 4.44 11.97 24.22
CA GLU C 18 4.28 11.46 22.85
C GLU C 18 4.47 12.47 21.80
N TRP C 19 5.11 12.04 20.71
CA TRP C 19 5.12 12.86 19.48
C TRP C 19 5.01 11.92 18.28
N ASP C 20 4.53 12.49 17.17
CA ASP C 20 4.36 11.69 15.89
C ASP C 20 4.65 12.66 14.79
N ASP C 21 5.69 12.37 14.03
CA ASP C 21 5.98 13.24 12.86
C ASP C 21 5.06 12.95 11.73
N GLY C 22 4.45 11.81 11.66
CA GLY C 22 3.59 11.48 10.55
C GLY C 22 4.41 10.90 9.45
N SER C 23 3.78 10.71 8.27
N SER C 23 3.91 10.94 8.22
CA SER C 23 4.45 10.09 7.11
CA SER C 23 4.57 10.17 7.15
C SER C 23 4.81 11.08 6.01
C SER C 23 4.74 11.01 5.93
N TYR C 24 5.82 10.69 5.21
CA TYR C 24 6.35 11.54 4.19
C TYR C 24 6.76 10.63 3.01
N THR C 25 7.73 11.03 2.20
CA THR C 25 8.09 10.14 1.11
C THR C 25 9.46 9.48 1.28
N GLY C 26 10.20 9.85 2.30
CA GLY C 26 11.50 9.18 2.65
C GLY C 26 12.23 10.05 3.61
N ILE C 27 13.51 9.73 3.84
CA ILE C 27 14.33 10.37 4.79
C ILE C 27 15.55 11.04 4.22
N ARG C 28 15.81 12.25 4.61
CA ARG C 28 17.05 12.94 4.10
C ARG C 28 18.14 13.05 5.15
N ILE C 29 17.77 13.45 6.33
CA ILE C 29 18.69 13.71 7.39
C ILE C 29 18.07 13.32 8.71
N ILE C 30 18.83 12.63 9.59
CA ILE C 30 18.47 12.47 10.98
C ILE C 30 19.52 13.20 11.85
N GLU C 31 19.03 13.89 12.86
CA GLU C 31 19.85 14.71 13.81
C GLU C 31 19.50 14.16 15.13
N LEU C 32 20.49 13.70 15.91
CA LEU C 32 20.23 13.23 17.28
C LEU C 32 21.35 13.71 18.15
N SER C 33 21.10 13.70 19.42
CA SER C 33 22.19 13.89 20.33
C SER C 33 22.32 12.64 21.21
N TYR C 34 23.51 12.43 21.81
CA TYR C 34 23.70 11.21 22.57
C TYR C 34 24.77 11.38 23.66
N LYS C 35 24.62 10.61 24.72
CA LYS C 35 25.75 10.41 25.66
C LYS C 35 25.63 9.02 26.19
N GLU C 36 24.98 8.83 27.32
CA GLU C 36 24.72 7.53 27.90
C GLU C 36 23.39 7.00 27.39
N ALA C 37 22.61 7.91 26.84
CA ALA C 37 21.39 7.53 26.13
C ALA C 37 21.15 8.48 24.98
N ILE C 38 20.05 8.26 24.23
CA ILE C 38 19.71 9.18 23.18
C ILE C 38 18.96 10.39 23.73
N GLY C 39 19.34 11.61 23.33
CA GLY C 39 18.71 12.79 23.84
C GLY C 39 17.73 13.29 22.79
N SER C 40 18.25 14.19 21.97
CA SER C 40 17.51 14.87 20.92
C SER C 40 17.25 13.87 19.78
N PHE C 41 16.23 14.15 18.97
CA PHE C 41 15.97 13.34 17.79
C PHE C 41 15.12 14.25 16.89
N SER C 42 15.60 14.52 15.68
N SER C 42 15.56 14.51 15.68
CA SER C 42 14.85 15.32 14.68
CA SER C 42 14.75 15.28 14.75
C SER C 42 15.25 15.03 13.25
C SER C 42 15.05 14.75 13.36
N VAL C 43 14.23 15.10 12.37
CA VAL C 43 14.36 14.42 11.01
C VAL C 43 13.96 15.42 9.95
N ILE C 44 14.75 15.41 8.90
CA ILE C 44 14.44 16.21 7.70
C ILE C 44 13.96 15.14 6.77
N TYR C 45 12.70 15.23 6.44
CA TYR C 45 12.12 14.20 5.56
C TYR C 45 12.31 14.62 4.12
N ASP C 46 12.20 13.67 3.21
CA ASP C 46 11.80 14.06 1.85
C ASP C 46 10.28 14.07 1.75
N LEU C 47 9.79 15.12 1.14
CA LEU C 47 8.39 15.21 0.71
C LEU C 47 8.36 15.56 -0.80
N ASN C 48 8.07 14.54 -1.59
CA ASN C 48 7.90 14.66 -2.98
C ASN C 48 9.04 15.37 -3.70
N GLY C 49 10.21 15.12 -3.18
CA GLY C 49 11.44 15.60 -3.82
C GLY C 49 12.12 16.82 -3.24
N GLU C 50 11.57 17.35 -2.16
CA GLU C 50 12.12 18.48 -1.45
C GLU C 50 12.13 18.18 0.03
N PRO C 51 12.97 18.86 0.72
CA PRO C 51 13.14 18.73 2.14
C PRO C 51 11.91 19.19 2.89
N PHE C 52 11.53 18.49 3.94
CA PHE C 52 10.54 18.96 4.88
C PHE C 52 11.03 18.63 6.29
N SER C 53 11.09 19.68 7.10
CA SER C 53 11.60 19.61 8.49
C SER C 53 10.59 19.15 9.46
N GLY C 54 10.75 17.98 10.10
CA GLY C 54 9.85 17.57 11.18
C GLY C 54 10.03 18.44 12.41
N SER C 55 9.17 18.27 13.40
CA SER C 55 9.32 19.12 14.63
C SER C 55 10.57 18.68 15.35
N LYS C 56 11.24 19.59 16.02
CA LYS C 56 12.44 19.22 16.75
C LYS C 56 11.99 18.56 18.06
N HIS C 57 12.69 17.52 18.46
CA HIS C 57 12.38 16.77 19.69
C HIS C 57 13.58 16.86 20.60
N THR C 58 13.83 18.10 21.01
CA THR C 58 15.06 18.49 21.64
C THR C 58 15.08 18.03 23.10
N SER C 59 16.23 17.51 23.52
CA SER C 59 16.46 17.21 24.90
C SER C 59 17.27 18.41 25.43
N LYS C 60 17.00 18.80 26.67
CA LYS C 60 17.72 19.92 27.29
C LYS C 60 19.15 19.54 27.77
N LEU C 61 19.51 18.26 27.75
CA LEU C 61 20.82 17.80 28.18
C LEU C 61 22.00 18.18 27.22
N PRO C 62 23.23 18.41 27.77
CA PRO C 62 24.38 18.85 26.96
C PRO C 62 25.15 17.69 26.37
N TYR C 63 24.62 17.17 25.26
CA TYR C 63 24.99 15.86 24.71
C TYR C 63 25.74 16.10 23.44
N THR C 64 26.37 15.08 22.86
CA THR C 64 27.07 15.29 21.57
C THR C 64 26.03 15.22 20.42
N ASN C 65 26.15 16.13 19.47
CA ASN C 65 25.19 16.22 18.35
C ASN C 65 25.73 15.53 17.15
N VAL C 66 24.87 14.76 16.47
CA VAL C 66 25.31 14.18 15.23
C VAL C 66 24.26 14.43 14.21
N LYS C 67 24.72 14.45 12.96
CA LYS C 67 23.86 14.60 11.81
C LYS C 67 24.15 13.55 10.79
N ILE C 68 23.20 12.64 10.55
CA ILE C 68 23.28 11.55 9.63
C ILE C 68 22.60 12.00 8.32
N GLU C 69 23.38 12.18 7.28
CA GLU C 69 23.00 12.73 6.01
C GLU C 69 23.00 11.59 4.99
N LEU C 70 21.81 11.13 4.59
CA LEU C 70 21.66 10.09 3.55
C LEU C 70 21.68 10.56 2.13
N GLN C 71 22.29 9.79 1.25
CA GLN C 71 22.28 10.21 -0.21
C GLN C 71 20.97 9.88 -0.79
N PHE C 72 19.94 10.61 -0.33
CA PHE C 72 18.55 10.48 -0.87
C PHE C 72 18.53 10.91 -2.31
N PRO C 73 17.81 10.23 -3.19
CA PRO C 73 16.95 9.04 -2.91
C PRO C 73 17.54 7.65 -3.08
N GLU C 74 18.70 7.56 -3.72
CA GLU C 74 19.28 6.26 -4.03
C GLU C 74 19.80 5.56 -2.75
N GLU C 75 20.05 6.31 -1.68
CA GLU C 75 20.42 5.73 -0.36
C GLU C 75 19.29 5.87 0.63
N PHE C 76 19.01 4.78 1.30
CA PHE C 76 17.92 4.74 2.30
C PHE C 76 18.14 3.62 3.33
N LEU C 77 17.42 3.78 4.46
CA LEU C 77 17.64 2.90 5.56
C LEU C 77 17.13 1.51 5.24
N VAL C 78 17.89 0.47 5.59
CA VAL C 78 17.46 -0.88 5.60
C VAL C 78 17.36 -1.50 6.98
N SER C 79 17.90 -0.81 7.98
CA SER C 79 17.78 -1.25 9.33
C SER C 79 17.79 -0.14 10.31
N VAL C 80 17.03 -0.27 11.37
CA VAL C 80 17.07 0.59 12.60
C VAL C 80 17.22 -0.34 13.78
N SER C 81 18.14 -0.08 14.70
CA SER C 81 18.32 -1.04 15.76
C SER C 81 18.78 -0.23 16.94
N GLY C 82 18.67 -0.80 18.10
CA GLY C 82 19.29 -0.14 19.25
C GLY C 82 19.02 -0.88 20.47
N TYR C 83 19.22 -0.19 21.58
CA TYR C 83 18.90 -0.77 22.85
C TYR C 83 17.97 0.10 23.73
N THR C 84 17.25 -0.55 24.60
CA THR C 84 16.38 0.04 25.54
C THR C 84 16.66 -0.37 27.00
N ALA C 85 16.72 0.58 27.90
CA ALA C 85 16.92 0.27 29.36
C ALA C 85 16.67 1.53 30.13
N PRO C 86 16.43 1.43 31.45
CA PRO C 86 16.46 2.70 32.19
C PRO C 86 17.78 3.41 32.27
N PHE C 87 17.73 4.69 32.48
CA PHE C 87 18.92 5.35 32.80
C PHE C 87 18.72 6.05 34.17
N SER C 88 19.37 5.46 35.20
CA SER C 88 19.27 5.82 36.67
C SER C 88 19.22 7.30 37.07
N SER C 89 19.85 8.18 36.25
CA SER C 89 19.75 9.66 36.41
C SER C 89 18.33 10.27 36.48
N LEU C 90 17.27 9.45 36.64
CA LEU C 90 15.89 9.94 36.66
C LEU C 90 15.20 9.53 37.96
N ALA C 91 14.13 10.25 38.28
CA ALA C 91 13.28 10.01 39.45
C ALA C 91 12.52 8.69 39.28
N THR C 92 11.82 8.56 38.15
CA THR C 92 11.30 7.27 37.67
C THR C 92 12.42 6.44 36.99
N ARG C 93 12.38 5.13 37.15
CA ARG C 93 13.19 4.29 36.28
C ARG C 93 12.24 3.56 35.32
N THR C 94 11.98 4.22 34.20
CA THR C 94 11.37 3.58 33.03
C THR C 94 12.44 3.46 31.92
N PRO C 95 12.28 2.43 31.03
CA PRO C 95 13.24 2.15 29.96
C PRO C 95 13.20 3.36 29.06
N VAL C 96 14.36 3.70 28.49
CA VAL C 96 14.47 4.73 27.47
C VAL C 96 15.34 4.15 26.41
N VAL C 97 15.51 4.92 25.31
CA VAL C 97 16.29 4.54 24.22
C VAL C 97 17.70 4.91 24.60
N ARG C 98 18.48 3.88 24.92
CA ARG C 98 19.95 4.08 25.22
C ARG C 98 20.87 4.20 24.05
N SER C 99 20.48 3.57 22.93
CA SER C 99 21.33 3.59 21.77
C SER C 99 20.49 3.46 20.48
N LEU C 100 20.97 4.11 19.40
CA LEU C 100 20.49 3.86 18.05
C LEU C 100 21.65 3.58 17.07
N LYS C 101 21.34 2.78 16.05
CA LYS C 101 22.18 2.47 14.97
C LYS C 101 21.23 2.39 13.72
N PHE C 102 21.82 2.80 12.62
CA PHE C 102 21.16 2.80 11.35
C PHE C 102 22.08 2.17 10.32
N LYS C 103 21.52 1.40 9.42
N LYS C 103 21.52 1.44 9.39
CA LYS C 103 22.32 0.84 8.31
CA LYS C 103 22.31 0.90 8.29
C LYS C 103 21.58 1.27 7.06
C LYS C 103 21.55 1.19 7.03
N THR C 104 22.25 1.45 5.94
CA THR C 104 21.67 1.79 4.65
C THR C 104 21.96 0.80 3.55
N ASN C 105 21.26 0.94 2.44
CA ASN C 105 21.34 0.02 1.35
C ASN C 105 22.69 0.00 0.64
N LYS C 106 23.44 1.00 0.89
CA LYS C 106 24.86 1.16 0.34
C LYS C 106 25.91 0.64 1.31
N GLY C 107 25.50 0.19 2.44
CA GLY C 107 26.37 -0.51 3.37
C GLY C 107 26.99 0.52 4.28
N ARG C 108 26.42 1.75 4.36
CA ARG C 108 26.88 2.68 5.40
C ARG C 108 26.20 2.28 6.71
N THR C 109 26.91 2.50 7.81
N THR C 109 26.93 2.41 7.82
CA THR C 109 26.43 2.32 9.16
CA THR C 109 26.41 2.28 9.17
C THR C 109 26.60 3.64 9.93
C THR C 109 26.57 3.65 9.86
N PHE C 110 25.62 4.02 10.74
CA PHE C 110 25.68 5.23 11.45
C PHE C 110 25.42 4.81 12.84
N GLY C 111 26.41 4.93 13.69
CA GLY C 111 26.26 4.57 15.05
C GLY C 111 27.08 3.24 15.26
N PRO C 112 26.95 2.63 16.42
CA PRO C 112 25.96 3.09 17.43
C PRO C 112 26.26 4.38 18.16
N TYR C 113 25.18 5.06 18.46
CA TYR C 113 25.26 6.32 19.16
C TYR C 113 24.61 6.07 20.44
N GLY C 114 25.23 6.50 21.54
CA GLY C 114 24.67 6.16 22.83
C GLY C 114 25.46 5.03 23.48
N GLU C 115 24.83 4.26 24.35
CA GLU C 115 25.48 3.12 24.98
C GLU C 115 24.64 1.94 24.76
N GLU C 116 25.29 0.91 24.24
CA GLU C 116 24.65 -0.32 23.89
C GLU C 116 24.37 -1.08 25.12
N ASP C 117 23.33 -0.64 25.82
CA ASP C 117 23.06 -1.10 27.09
C ASP C 117 21.60 -1.45 27.20
N GLY C 118 21.30 -2.65 27.70
CA GLY C 118 19.93 -3.11 27.93
C GLY C 118 19.41 -4.17 26.97
N THR C 119 18.15 -4.00 26.54
CA THR C 119 17.46 -4.90 25.60
C THR C 119 17.64 -4.49 24.11
N TYR C 120 17.83 -5.46 23.24
CA TYR C 120 18.19 -5.18 21.86
C TYR C 120 16.94 -5.15 21.08
N PHE C 121 16.81 -4.18 20.18
CA PHE C 121 15.67 -4.21 19.18
C PHE C 121 16.34 -4.06 17.82
N ASN C 122 15.69 -4.57 16.77
CA ASN C 122 16.27 -4.63 15.49
C ASN C 122 15.13 -4.75 14.53
N LEU C 123 15.08 -3.80 13.60
CA LEU C 123 14.08 -3.73 12.50
C LEU C 123 14.82 -3.88 11.18
N PRO C 124 15.08 -5.09 10.71
CA PRO C 124 15.68 -5.15 9.37
C PRO C 124 14.54 -5.07 8.38
N ILE C 125 14.71 -4.30 7.33
CA ILE C 125 13.72 -4.08 6.26
C ILE C 125 14.13 -4.77 5.01
N GLU C 126 13.40 -5.76 4.58
CA GLU C 126 13.73 -6.44 3.37
C GLU C 126 13.08 -5.76 2.16
N ASN C 127 11.85 -5.28 2.35
CA ASN C 127 11.17 -4.55 1.34
C ASN C 127 10.36 -3.48 1.95
N GLY C 128 10.58 -2.26 1.51
CA GLY C 128 9.82 -1.19 2.09
C GLY C 128 10.73 -0.06 2.51
N LEU C 129 10.14 1.03 2.89
CA LEU C 129 10.89 2.22 3.20
C LEU C 129 10.43 2.82 4.50
N VAL C 130 11.33 3.34 5.29
CA VAL C 130 10.99 4.16 6.38
C VAL C 130 10.52 5.58 5.92
N VAL C 131 9.35 6.03 6.42
CA VAL C 131 8.74 7.25 5.93
C VAL C 131 8.29 8.12 7.01
N GLY C 132 8.61 7.83 8.27
CA GLY C 132 8.32 8.76 9.34
C GLY C 132 8.71 8.08 10.63
N PHE C 133 8.88 8.90 11.62
CA PHE C 133 9.10 8.41 13.00
C PHE C 133 8.05 8.93 13.94
N LYS C 134 7.98 8.27 15.05
CA LYS C 134 7.17 8.74 16.16
C LYS C 134 7.95 8.34 17.41
N GLY C 135 7.68 9.01 18.53
CA GLY C 135 8.44 8.61 19.77
C GLY C 135 7.77 9.22 20.97
N ARG C 136 8.56 9.30 22.04
CA ARG C 136 8.12 9.90 23.33
C ARG C 136 9.42 10.51 23.81
N THR C 137 9.37 11.76 24.18
CA THR C 137 10.58 12.45 24.60
C THR C 137 10.23 13.19 25.90
N GLY C 138 11.14 13.12 26.86
CA GLY C 138 11.09 13.97 28.09
C GLY C 138 12.34 14.81 28.16
N ASP C 139 13.22 14.52 29.12
CA ASP C 139 14.59 15.00 29.13
C ASP C 139 15.36 14.30 28.02
N LEU C 140 14.93 13.09 27.64
CA LEU C 140 15.50 12.40 26.50
C LEU C 140 14.53 11.48 25.81
N LEU C 141 15.06 10.69 24.86
CA LEU C 141 14.26 9.83 24.03
C LEU C 141 13.81 8.61 24.78
N ASP C 142 12.63 8.66 25.34
CA ASP C 142 11.99 7.51 25.93
C ASP C 142 11.58 6.39 25.01
N ALA C 143 11.13 6.70 23.81
CA ALA C 143 10.63 5.59 22.97
C ALA C 143 10.74 6.07 21.52
N ILE C 144 10.83 5.11 20.63
CA ILE C 144 10.89 5.41 19.19
C ILE C 144 10.09 4.36 18.43
N GLY C 145 9.38 4.78 17.35
CA GLY C 145 8.74 3.86 16.47
C GLY C 145 8.85 4.39 15.03
N VAL C 146 8.52 3.54 14.08
N VAL C 146 8.38 3.58 14.10
CA VAL C 146 8.66 3.96 12.65
CA VAL C 146 8.68 3.83 12.69
C VAL C 146 7.46 3.67 11.80
C VAL C 146 7.46 3.65 11.79
N HIS C 147 7.21 4.60 10.89
CA HIS C 147 6.20 4.39 9.89
C HIS C 147 6.86 3.88 8.64
N MET C 148 6.20 2.96 7.97
CA MET C 148 6.73 2.36 6.73
C MET C 148 5.75 2.38 5.62
N ALA C 149 6.32 2.44 4.41
CA ALA C 149 5.53 2.33 3.19
C ALA C 149 6.30 1.75 2.07
N LEU C 150 5.63 1.26 1.02
CA LEU C 150 6.35 0.78 -0.21
C LEU C 150 7.07 1.90 -0.99
N MET D 1 7.90 -7.98 -10.07
CA MET D 1 6.80 -7.31 -10.85
C MET D 1 5.36 -7.82 -10.62
N ALA D 2 5.20 -8.89 -9.82
CA ALA D 2 3.93 -9.20 -9.15
C ALA D 2 3.70 -8.27 -7.90
N SER D 3 2.54 -8.37 -7.25
CA SER D 3 2.20 -7.38 -6.26
C SER D 3 3.07 -7.59 -4.99
N GLN D 4 3.57 -6.51 -4.36
CA GLN D 4 4.51 -6.61 -3.19
C GLN D 4 3.87 -6.10 -1.90
N THR D 5 4.40 -6.55 -0.76
CA THR D 5 4.08 -6.03 0.52
C THR D 5 5.38 -5.62 1.25
N ILE D 6 5.25 -4.82 2.28
CA ILE D 6 6.35 -4.59 3.26
C ILE D 6 6.76 -5.93 3.84
N THR D 7 8.10 -6.12 3.98
CA THR D 7 8.66 -7.35 4.55
C THR D 7 9.79 -6.98 5.44
N VAL D 8 9.70 -7.49 6.62
CA VAL D 8 10.67 -7.18 7.63
C VAL D 8 11.30 -8.51 8.03
N GLY D 9 12.47 -8.44 8.57
CA GLY D 9 13.16 -9.70 8.79
C GLY D 9 14.24 -9.78 7.72
N PRO D 10 14.80 -10.95 7.50
CA PRO D 10 14.64 -12.10 8.39
C PRO D 10 15.45 -12.03 9.66
N TRP D 11 14.97 -12.85 10.60
CA TRP D 11 15.62 -13.05 11.95
C TRP D 11 15.98 -14.54 11.96
N GLY D 12 17.29 -14.81 12.10
CA GLY D 12 17.88 -16.20 12.22
C GLY D 12 18.98 -16.34 11.25
N GLY D 13 19.21 -17.48 10.66
CA GLY D 13 20.49 -17.65 9.92
C GLY D 13 20.36 -18.13 8.52
N PRO D 14 21.51 -18.38 7.85
CA PRO D 14 21.53 -18.69 6.40
C PRO D 14 21.38 -20.15 6.08
N GLY D 15 21.24 -20.98 7.11
CA GLY D 15 20.93 -22.37 6.91
C GLY D 15 19.63 -22.69 6.24
N GLY D 16 19.56 -23.96 5.86
CA GLY D 16 18.37 -24.60 5.31
C GLY D 16 18.04 -24.18 3.90
N ASN D 17 16.77 -24.33 3.54
CA ASN D 17 16.29 -23.94 2.21
C ASN D 17 15.28 -22.80 2.30
N GLU D 18 15.43 -21.79 1.45
CA GLU D 18 14.40 -20.66 1.40
C GLU D 18 13.05 -21.10 1.08
N TRP D 19 12.07 -20.49 1.78
CA TRP D 19 10.71 -20.57 1.42
C TRP D 19 10.10 -19.15 1.69
N ASP D 20 9.06 -18.91 0.94
CA ASP D 20 8.26 -17.69 1.03
C ASP D 20 6.85 -18.04 0.74
N ASP D 21 5.92 -17.92 1.74
CA ASP D 21 4.53 -18.18 1.52
C ASP D 21 3.94 -17.04 0.78
N GLY D 22 4.53 -15.90 0.70
CA GLY D 22 3.88 -14.76 0.03
C GLY D 22 2.85 -14.12 0.95
N SER D 23 1.88 -13.48 0.34
N SER D 23 1.96 -13.31 0.35
CA SER D 23 0.92 -12.67 1.09
CA SER D 23 0.99 -12.49 1.09
C SER D 23 -0.52 -13.04 0.79
C SER D 23 -0.49 -12.88 0.77
N TYR D 24 -1.33 -12.71 1.80
CA TYR D 24 -2.74 -13.06 1.83
C TYR D 24 -3.54 -11.96 2.38
N THR D 25 -4.79 -12.24 2.90
CA THR D 25 -5.53 -11.26 3.64
C THR D 25 -5.48 -11.25 5.17
N GLY D 26 -4.91 -12.28 5.77
CA GLY D 26 -4.63 -12.36 7.22
C GLY D 26 -4.30 -13.75 7.62
N ILE D 27 -4.30 -14.04 8.96
CA ILE D 27 -3.82 -15.27 9.53
C ILE D 27 -5.01 -15.91 10.25
N ARG D 28 -5.16 -17.17 10.08
CA ARG D 28 -6.21 -17.94 10.78
C ARG D 28 -5.55 -18.88 11.80
N ILE D 29 -4.58 -19.71 11.40
CA ILE D 29 -4.05 -20.78 12.26
C ILE D 29 -2.56 -20.78 12.00
N ILE D 30 -1.76 -20.81 13.06
CA ILE D 30 -0.35 -21.09 12.92
C ILE D 30 -0.08 -22.47 13.54
N GLU D 31 0.71 -23.25 12.86
CA GLU D 31 1.07 -24.62 13.27
C GLU D 31 2.54 -24.79 13.43
N LEU D 32 3.06 -25.15 14.60
CA LEU D 32 4.46 -25.33 14.68
C LEU D 32 4.83 -26.46 15.58
N SER D 33 6.03 -26.91 15.45
CA SER D 33 6.60 -27.88 16.44
C SER D 33 7.79 -27.28 17.18
N TYR D 34 8.04 -27.74 18.40
CA TYR D 34 9.21 -27.19 19.11
C TYR D 34 9.82 -28.20 20.06
N LYS D 35 11.09 -27.98 20.36
CA LYS D 35 11.66 -28.54 21.60
C LYS D 35 12.79 -27.59 22.10
N GLU D 36 14.03 -27.87 21.70
CA GLU D 36 15.16 -26.97 21.93
C GLU D 36 15.15 -25.76 20.96
N ALA D 37 14.55 -25.97 19.79
CA ALA D 37 14.28 -24.91 18.80
C ALA D 37 12.93 -25.10 18.12
N ILE D 38 12.65 -24.23 17.16
CA ILE D 38 11.43 -24.40 16.34
C ILE D 38 11.76 -25.36 15.24
N GLY D 39 10.92 -26.39 15.04
CA GLY D 39 11.11 -27.28 13.97
C GLY D 39 10.20 -26.91 12.79
N SER D 40 8.99 -27.44 12.80
CA SER D 40 7.99 -27.23 11.79
C SER D 40 7.35 -25.84 11.94
N PHE D 41 6.87 -25.28 10.83
CA PHE D 41 6.12 -23.98 10.81
C PHE D 41 5.27 -23.92 9.55
N SER D 42 3.99 -23.81 9.76
CA SER D 42 3.05 -23.80 8.69
C SER D 42 1.89 -22.93 9.14
N VAL D 43 1.14 -22.40 8.17
CA VAL D 43 0.19 -21.42 8.43
C VAL D 43 -1.07 -21.65 7.53
N ILE D 44 -2.23 -21.48 8.14
CA ILE D 44 -3.56 -21.41 7.42
C ILE D 44 -3.87 -19.92 7.38
N TYR D 45 -3.77 -19.36 6.20
CA TYR D 45 -4.06 -17.97 5.93
C TYR D 45 -5.53 -17.73 5.71
N ASP D 46 -5.97 -16.49 5.83
CA ASP D 46 -7.22 -16.10 5.22
C ASP D 46 -6.95 -15.52 3.88
N LEU D 47 -7.77 -15.94 2.89
CA LEU D 47 -7.64 -15.43 1.49
C LEU D 47 -9.08 -14.95 1.18
N ASN D 48 -9.28 -13.64 1.26
CA ASN D 48 -10.58 -13.10 0.88
C ASN D 48 -11.80 -13.75 1.59
N GLY D 49 -11.58 -13.99 2.83
CA GLY D 49 -12.68 -14.55 3.66
C GLY D 49 -12.75 -16.06 3.82
N GLU D 50 -11.90 -16.85 3.20
CA GLU D 50 -11.93 -18.29 3.29
C GLU D 50 -10.51 -18.76 3.63
N PRO D 51 -10.38 -19.94 4.26
CA PRO D 51 -9.04 -20.47 4.57
C PRO D 51 -8.25 -20.83 3.30
N PHE D 52 -6.98 -20.50 3.31
CA PHE D 52 -5.99 -20.94 2.37
C PHE D 52 -4.78 -21.56 3.09
N SER D 53 -4.52 -22.83 2.82
CA SER D 53 -3.42 -23.57 3.47
CA SER D 53 -3.43 -23.52 3.51
C SER D 53 -2.08 -23.25 2.83
N GLY D 54 -1.20 -22.60 3.57
CA GLY D 54 0.17 -22.49 3.17
C GLY D 54 0.95 -23.80 3.00
N SER D 55 2.03 -23.70 2.28
CA SER D 55 2.92 -24.85 2.09
C SER D 55 3.46 -25.27 3.45
N LYS D 56 3.64 -26.56 3.68
CA LYS D 56 4.20 -27.00 4.92
C LYS D 56 5.73 -26.81 4.90
N HIS D 57 6.29 -26.43 6.09
CA HIS D 57 7.71 -26.35 6.25
C HIS D 57 8.03 -27.26 7.40
N THR D 58 7.93 -28.56 7.20
CA THR D 58 7.88 -29.44 8.37
C THR D 58 9.26 -29.99 8.69
N SER D 59 9.55 -30.15 9.99
CA SER D 59 10.77 -30.76 10.43
C SER D 59 10.48 -32.23 10.72
N LYS D 60 11.41 -33.08 10.34
CA LYS D 60 11.43 -34.50 10.79
C LYS D 60 11.68 -34.73 12.28
N LEU D 61 12.12 -33.72 13.00
CA LEU D 61 12.45 -33.91 14.39
C LEU D 61 11.21 -34.31 15.21
N PRO D 62 11.37 -35.30 16.12
CA PRO D 62 10.21 -35.66 16.97
C PRO D 62 9.90 -34.58 18.04
N TYR D 63 9.25 -33.50 17.58
CA TYR D 63 9.01 -32.33 18.40
C TYR D 63 7.60 -32.23 18.86
N THR D 64 7.32 -31.29 19.76
CA THR D 64 5.97 -31.13 20.32
C THR D 64 5.19 -30.28 19.34
N ASN D 65 4.00 -30.73 18.91
CA ASN D 65 3.25 -29.92 17.89
C ASN D 65 2.27 -29.04 18.55
N VAL D 66 2.14 -27.78 18.10
CA VAL D 66 1.15 -26.91 18.69
C VAL D 66 0.38 -26.20 17.55
N LYS D 67 -0.88 -25.96 17.80
CA LYS D 67 -1.79 -25.34 16.83
C LYS D 67 -2.34 -24.12 17.50
N ILE D 68 -2.13 -22.99 16.85
CA ILE D 68 -2.51 -21.66 17.34
C ILE D 68 -3.65 -21.12 16.52
N GLU D 69 -4.82 -21.05 17.15
CA GLU D 69 -6.06 -20.80 16.44
C GLU D 69 -6.49 -19.43 16.82
N LEU D 70 -6.36 -18.47 15.91
CA LEU D 70 -6.82 -17.12 16.13
C LEU D 70 -8.29 -17.06 15.81
N GLN D 71 -9.01 -16.22 16.58
CA GLN D 71 -10.41 -15.94 16.27
C GLN D 71 -10.47 -14.93 15.20
N PHE D 72 -10.08 -15.33 14.00
CA PHE D 72 -10.17 -14.49 12.83
C PHE D 72 -11.59 -14.11 12.45
N PRO D 73 -11.90 -12.86 12.02
CA PRO D 73 -11.01 -11.71 11.83
C PRO D 73 -10.80 -10.72 12.97
N GLU D 74 -11.58 -10.91 14.03
CA GLU D 74 -11.59 -10.00 15.17
C GLU D 74 -10.26 -10.08 15.93
N GLU D 75 -9.64 -11.25 16.00
CA GLU D 75 -8.38 -11.38 16.72
C GLU D 75 -7.23 -11.53 15.66
N PHE D 76 -6.20 -10.73 15.83
CA PHE D 76 -5.01 -10.78 14.97
C PHE D 76 -3.75 -10.44 15.74
N LEU D 77 -2.60 -10.75 15.13
CA LEU D 77 -1.32 -10.62 15.76
C LEU D 77 -0.97 -9.17 15.86
N VAL D 78 -0.48 -8.82 17.00
CA VAL D 78 0.20 -7.57 17.26
C VAL D 78 1.63 -7.58 17.66
N SER D 79 2.17 -8.77 17.83
CA SER D 79 3.54 -8.93 18.07
C SER D 79 3.99 -10.29 17.65
N VAL D 80 5.17 -10.34 17.02
CA VAL D 80 5.95 -11.54 16.82
C VAL D 80 7.28 -11.34 17.40
N SER D 81 7.72 -12.29 18.24
CA SER D 81 8.98 -12.14 18.94
C SER D 81 9.62 -13.53 19.06
N GLY D 82 10.89 -13.56 19.40
CA GLY D 82 11.52 -14.87 19.69
C GLY D 82 13.01 -14.66 19.91
N TYR D 83 13.75 -15.76 19.83
CA TYR D 83 15.19 -15.78 20.02
C TYR D 83 15.83 -16.61 18.92
N THR D 84 17.02 -16.16 18.43
CA THR D 84 17.86 -16.89 17.52
C THR D 84 19.28 -17.17 18.12
N ALA D 85 19.80 -18.33 17.83
CA ALA D 85 21.12 -18.79 18.25
C ALA D 85 21.48 -20.01 17.46
N PRO D 86 22.81 -20.28 17.37
CA PRO D 86 23.19 -21.67 17.07
C PRO D 86 22.50 -22.65 18.03
N PHE D 87 22.29 -23.85 17.49
CA PHE D 87 21.87 -24.98 18.23
C PHE D 87 23.08 -25.92 18.10
N SER D 88 23.74 -26.18 19.22
CA SER D 88 24.96 -27.01 19.25
C SER D 88 24.86 -28.39 18.53
N SER D 89 23.68 -29.01 18.55
CA SER D 89 23.44 -30.36 17.97
C SER D 89 23.36 -30.50 16.42
N LEU D 90 23.48 -29.40 15.67
CA LEU D 90 23.58 -29.45 14.20
C LEU D 90 25.04 -29.63 13.74
N ALA D 91 25.22 -30.38 12.66
CA ALA D 91 26.54 -30.55 11.99
C ALA D 91 27.19 -29.21 11.55
N THR D 92 26.45 -28.12 11.71
CA THR D 92 26.88 -26.75 11.47
C THR D 92 26.45 -25.89 12.70
N ARG D 93 27.20 -24.83 12.95
CA ARG D 93 26.90 -23.97 14.07
C ARG D 93 26.30 -22.64 13.60
N THR D 94 25.37 -22.70 12.63
CA THR D 94 24.72 -21.51 12.10
C THR D 94 23.45 -21.19 12.87
N PRO D 95 23.13 -19.90 13.03
CA PRO D 95 21.98 -19.61 13.96
C PRO D 95 20.61 -19.99 13.46
N VAL D 96 19.77 -20.56 14.31
CA VAL D 96 18.41 -20.95 13.89
C VAL D 96 17.39 -20.27 14.77
N VAL D 97 16.10 -20.48 14.52
CA VAL D 97 15.08 -19.91 15.42
C VAL D 97 14.84 -20.79 16.66
N ARG D 98 15.42 -20.37 17.78
CA ARG D 98 15.27 -21.11 19.07
C ARG D 98 13.89 -20.99 19.75
N SER D 99 13.21 -19.88 19.54
CA SER D 99 11.98 -19.66 20.24
C SER D 99 11.13 -18.71 19.40
N LEU D 100 9.82 -18.82 19.56
CA LEU D 100 8.86 -17.88 19.06
C LEU D 100 7.81 -17.66 20.05
N LYS D 101 7.25 -16.45 19.99
CA LYS D 101 6.12 -16.06 20.76
C LYS D 101 5.26 -15.15 19.95
N PHE D 102 3.97 -15.24 20.21
CA PHE D 102 2.96 -14.48 19.49
C PHE D 102 1.94 -13.81 20.40
N LYS D 103 1.64 -12.52 20.19
CA LYS D 103 0.63 -11.88 21.02
C LYS D 103 -0.45 -11.37 20.09
N THR D 104 -1.63 -11.25 20.58
CA THR D 104 -2.75 -10.79 19.87
C THR D 104 -3.37 -9.53 20.45
N ASN D 105 -4.26 -8.95 19.67
CA ASN D 105 -4.96 -7.74 20.00
C ASN D 105 -5.99 -7.95 21.12
N LYS D 106 -6.41 -9.19 21.29
CA LYS D 106 -7.23 -9.61 22.48
C LYS D 106 -6.45 -9.87 23.74
N GLY D 107 -5.13 -9.70 23.76
CA GLY D 107 -4.35 -9.97 24.92
C GLY D 107 -3.92 -11.39 25.12
N ARG D 108 -4.06 -12.25 24.14
CA ARG D 108 -3.57 -13.57 24.31
C ARG D 108 -2.12 -13.69 23.94
N THR D 109 -1.45 -14.62 24.57
CA THR D 109 -0.07 -14.89 24.26
C THR D 109 0.03 -16.34 23.89
N PHE D 110 0.81 -16.66 22.85
CA PHE D 110 0.98 -18.04 22.46
C PHE D 110 2.46 -18.17 22.54
N GLY D 111 2.96 -19.07 23.38
CA GLY D 111 4.39 -19.27 23.60
C GLY D 111 4.91 -18.52 24.87
N PRO D 112 6.20 -18.49 25.11
CA PRO D 112 7.23 -18.96 24.21
C PRO D 112 7.21 -20.45 23.94
N TYR D 113 7.60 -20.83 22.73
CA TYR D 113 7.69 -22.16 22.35
C TYR D 113 9.15 -22.28 21.98
N GLY D 114 9.81 -23.34 22.45
CA GLY D 114 11.20 -23.63 22.15
C GLY D 114 11.93 -23.17 23.39
N GLU D 115 13.15 -22.64 23.26
CA GLU D 115 13.93 -22.21 24.43
C GLU D 115 14.53 -20.85 24.16
N GLU D 116 14.42 -19.96 25.15
CA GLU D 116 14.79 -18.59 25.03
C GLU D 116 16.26 -18.33 25.18
N ASP D 117 17.03 -18.75 24.18
CA ASP D 117 18.43 -18.56 24.16
C ASP D 117 18.87 -17.77 23.00
N GLY D 118 19.81 -16.84 23.27
CA GLY D 118 20.56 -16.21 22.23
C GLY D 118 20.05 -14.80 22.08
N THR D 119 19.90 -14.32 20.84
CA THR D 119 19.63 -12.92 20.55
C THR D 119 18.12 -12.80 20.39
N TYR D 120 17.48 -12.01 21.25
CA TYR D 120 16.04 -11.63 21.18
C TYR D 120 15.76 -10.80 19.96
N PHE D 121 14.61 -11.12 19.32
CA PHE D 121 14.00 -10.17 18.36
C PHE D 121 12.55 -9.91 18.69
N ASN D 122 11.98 -8.81 18.19
CA ASN D 122 10.63 -8.44 18.63
C ASN D 122 10.02 -7.51 17.59
N LEU D 123 8.88 -7.84 17.01
CA LEU D 123 8.17 -6.95 16.07
C LEU D 123 6.86 -6.58 16.68
N PRO D 124 6.76 -5.43 17.36
CA PRO D 124 5.50 -4.96 17.78
C PRO D 124 4.91 -4.16 16.67
N ILE D 125 3.65 -4.44 16.39
CA ILE D 125 2.91 -3.81 15.29
C ILE D 125 1.92 -2.90 15.91
N GLU D 126 2.13 -1.62 15.75
CA GLU D 126 1.11 -0.67 16.21
C GLU D 126 -0.06 -0.47 15.18
N ASN D 127 0.19 -0.61 13.88
CA ASN D 127 -0.89 -0.38 12.90
C ASN D 127 -0.49 -1.21 11.74
N GLY D 128 -1.32 -2.15 11.32
CA GLY D 128 -0.87 -3.00 10.26
C GLY D 128 -1.27 -4.38 10.61
N LEU D 129 -1.26 -5.20 9.60
CA LEU D 129 -1.52 -6.60 9.75
C LEU D 129 -0.33 -7.48 9.28
N VAL D 130 -0.13 -8.63 9.88
CA VAL D 130 0.70 -9.72 9.30
C VAL D 130 -0.18 -10.35 8.23
N VAL D 131 0.36 -10.49 7.03
CA VAL D 131 -0.34 -11.16 5.92
C VAL D 131 0.46 -12.27 5.26
N GLY D 132 1.62 -12.65 5.83
CA GLY D 132 2.36 -13.73 5.27
C GLY D 132 3.66 -13.91 6.06
N PHE D 133 4.29 -15.07 5.86
CA PHE D 133 5.56 -15.37 6.52
C PHE D 133 6.48 -15.85 5.42
N LYS D 134 7.76 -15.63 5.62
CA LYS D 134 8.77 -16.28 4.77
C LYS D 134 9.81 -16.78 5.74
N GLY D 135 10.66 -17.65 5.21
CA GLY D 135 11.66 -18.21 6.12
C GLY D 135 12.69 -19.09 5.45
N ARG D 136 13.37 -19.83 6.33
CA ARG D 136 14.30 -20.86 5.86
C ARG D 136 14.16 -22.08 6.76
N THR D 137 14.13 -23.26 6.17
CA THR D 137 13.93 -24.51 6.89
C THR D 137 14.91 -25.54 6.35
N GLY D 138 15.74 -26.05 7.26
CA GLY D 138 16.53 -27.32 7.04
C GLY D 138 15.89 -28.52 7.75
N ASP D 139 16.54 -29.03 8.78
CA ASP D 139 15.92 -29.90 9.71
C ASP D 139 15.10 -29.07 10.69
N LEU D 140 15.40 -27.78 10.86
CA LEU D 140 14.73 -26.92 11.82
C LEU D 140 14.34 -25.58 11.10
N LEU D 141 13.57 -24.76 11.78
CA LEU D 141 13.45 -23.34 11.34
C LEU D 141 14.70 -22.45 11.54
N ASP D 142 15.45 -22.25 10.46
CA ASP D 142 16.58 -21.35 10.45
C ASP D 142 16.33 -19.89 10.50
N ALA D 143 15.26 -19.37 9.88
CA ALA D 143 15.05 -17.96 9.83
C ALA D 143 13.56 -17.78 9.60
N ILE D 144 13.10 -16.67 10.10
CA ILE D 144 11.70 -16.22 9.87
C ILE D 144 11.61 -14.77 9.56
N GLY D 145 10.64 -14.40 8.74
CA GLY D 145 10.42 -13.00 8.41
C GLY D 145 8.91 -12.86 8.16
N VAL D 146 8.44 -11.65 8.18
N VAL D 146 8.47 -11.64 8.07
CA VAL D 146 7.02 -11.37 8.09
CA VAL D 146 7.05 -11.31 8.06
C VAL D 146 6.67 -10.33 6.98
C VAL D 146 6.69 -10.30 6.93
N HIS D 147 5.64 -10.59 6.21
CA HIS D 147 5.05 -9.59 5.34
C HIS D 147 3.90 -8.85 6.04
N MET D 148 3.80 -7.54 5.82
CA MET D 148 2.76 -6.69 6.51
C MET D 148 1.96 -5.88 5.47
N ALA D 149 0.70 -5.72 5.73
CA ALA D 149 -0.12 -4.85 4.91
C ALA D 149 -1.02 -4.03 5.77
N LEU D 150 -1.61 -3.01 5.20
CA LEU D 150 -2.70 -2.32 5.91
C LEU D 150 -3.94 -3.24 5.88
C1 MAN E . -0.12 26.28 -24.97
C2 MAN E . 0.91 25.19 -25.03
C3 MAN E . 0.27 23.93 -25.58
C4 MAN E . -1.01 23.59 -24.79
C5 MAN E . -1.99 24.82 -24.70
C6 MAN E . -3.13 24.51 -23.73
O1 MAN E . -0.57 26.48 -26.32
O2 MAN E . 1.50 25.24 -23.69
O3 MAN E . 1.23 22.89 -25.62
O4 MAN E . -1.68 22.41 -25.24
O5 MAN E . -1.31 25.98 -24.18
O6 MAN E . -2.62 24.36 -22.37
C1 MAN F . -31.19 -10.75 -15.55
C2 MAN F . -31.33 -9.98 -14.22
C3 MAN F . -31.18 -8.49 -14.47
C4 MAN F . -29.87 -8.18 -15.13
C5 MAN F . -29.85 -8.89 -16.46
C6 MAN F . -28.47 -8.81 -17.20
O1 MAN F . -32.38 -10.51 -16.31
O2 MAN F . -30.39 -10.38 -13.24
O3 MAN F . -31.17 -7.75 -13.20
O4 MAN F . -29.84 -6.76 -15.28
O5 MAN F . -30.14 -10.28 -16.42
O6 MAN F . -27.44 -9.28 -16.36
C1 MAN G . 11.67 13.25 32.42
C2 MAN G . 10.21 12.86 32.38
C3 MAN G . 10.13 11.34 32.44
C4 MAN G . 10.97 10.68 31.33
C5 MAN G . 12.38 11.16 31.40
C6 MAN G . 13.21 10.59 30.25
O1 MAN G . 12.25 12.88 33.72
O2 MAN G . 9.67 13.44 31.18
O3 MAN G . 8.82 10.80 32.22
O4 MAN G . 10.82 9.26 31.43
O5 MAN G . 12.36 12.60 31.33
O6 MAN G . 12.97 11.42 29.12
C1 MAN H . 20.40 -29.03 8.26
C2 MAN H . 20.90 -28.14 7.10
C3 MAN H . 21.46 -26.85 7.71
C4 MAN H . 20.44 -26.20 8.66
C5 MAN H . 19.89 -27.16 9.69
C6 MAN H . 18.80 -26.51 10.53
O1 MAN H . 21.50 -29.35 9.16
O2 MAN H . 19.91 -27.77 6.14
O3 MAN H . 21.78 -25.92 6.63
O4 MAN H . 21.03 -25.15 9.35
O5 MAN H . 19.41 -28.32 9.05
O6 MAN H . 17.63 -26.33 9.73
#